data_3KRL
#
_entry.id   3KRL
#
_cell.length_a   81.111
_cell.length_b   81.111
_cell.length_c   142.570
_cell.angle_alpha   90.00
_cell.angle_beta   90.00
_cell.angle_gamma   120.00
#
_symmetry.space_group_name_H-M   'H 3'
#
loop_
_entity.id
_entity.type
_entity.pdbx_description
1 polymer 'Macrophage colony-stimulating factor 1 receptor, Basic fibroblast growth factor receptor 1'
2 non-polymer 5-cyano-N-[4-(4-methylpiperazin-1-yl)-2-piperidin-1-ylphenyl]furan-2-carboxamide
3 non-polymer 'SULFATE ION'
4 water water
#
_entity_poly.entity_id   1
_entity_poly.type   'polypeptide(L)'
_entity_poly.pdbx_seq_one_letter_code
;GVDYKYKQKPKYQVRWKIIESYEGNSYTFIDPTQLPYNEKWEFPRNNLQFGKTLGAGAFGKVVEATAFGLGKEDAVLKVA
VKMLKSTAHADEKEALMSELKIMSHLGQHENIVNLLGACTHGGPVLVITEYCCYGDLLNFLRRKRPPGLEYSYNPSHNPE
EQLSSRDLLHFSSQVAQGMAFLASKNCIHRDVAARNVLLTNGHVAKIGDFGLARDIMNDSNYIVKGNARLPVKWMAPESI
FDCVYTVQSDVWSYGILLWEIFSLGLNPYPGILVNSKFYKLVKDGYQMAQPAFAPKNIYSIMQACWALEPTHRPTFQQIC
SFLQEQAQEDRRERD
;
_entity_poly.pdbx_strand_id   A
#
# COMPACT_ATOMS: atom_id res chain seq x y z
N LYS A 11 -10.34 6.12 -15.37
CA LYS A 11 -10.35 4.67 -15.32
C LYS A 11 -9.76 4.16 -14.00
N TYR A 12 -10.40 3.15 -13.41
CA TYR A 12 -9.82 2.50 -12.25
C TYR A 12 -8.61 1.68 -12.67
N GLN A 13 -7.64 1.56 -11.75
CA GLN A 13 -6.46 0.75 -12.01
C GLN A 13 -5.53 0.76 -10.80
N VAL A 14 -5.07 -0.42 -10.42
CA VAL A 14 -4.01 -0.54 -9.41
C VAL A 14 -2.70 -0.44 -10.17
N ARG A 15 -1.59 -0.32 -9.46
CA ARG A 15 -0.30 -0.16 -10.14
C ARG A 15 0.73 -1.22 -9.78
N TRP A 16 0.31 -2.26 -9.08
CA TRP A 16 1.22 -3.36 -8.82
C TRP A 16 1.59 -3.96 -10.17
N LYS A 17 2.87 -3.87 -10.52
CA LYS A 17 3.36 -4.40 -11.80
C LYS A 17 4.40 -5.49 -11.58
N ILE A 18 4.23 -6.61 -12.27
CA ILE A 18 5.16 -7.73 -12.17
C ILE A 18 6.19 -7.63 -13.29
N ILE A 19 7.46 -7.80 -12.94
CA ILE A 19 8.55 -7.64 -13.90
C ILE A 19 9.23 -8.98 -14.16
N PRO A 36 -4.37 -15.07 -16.32
CA PRO A 36 -5.81 -15.17 -16.08
C PRO A 36 -6.22 -15.96 -14.83
N TYR A 37 -7.54 -16.12 -14.67
CA TYR A 37 -8.15 -16.45 -13.39
C TYR A 37 -8.19 -17.94 -13.07
N ASN A 38 -7.78 -18.28 -11.85
CA ASN A 38 -7.89 -19.64 -11.34
C ASN A 38 -9.19 -19.78 -10.58
N GLU A 39 -10.08 -20.65 -11.07
CA GLU A 39 -11.43 -20.78 -10.52
C GLU A 39 -11.43 -21.33 -9.11
N LYS A 40 -10.27 -21.73 -8.61
CA LYS A 40 -10.16 -22.23 -7.25
C LYS A 40 -10.46 -21.14 -6.22
N TRP A 41 -10.42 -19.89 -6.65
CA TRP A 41 -10.68 -18.77 -5.77
C TRP A 41 -12.18 -18.48 -5.65
N GLU A 42 -12.95 -18.94 -6.63
CA GLU A 42 -14.37 -18.66 -6.71
C GLU A 42 -15.09 -18.96 -5.39
N PHE A 43 -16.14 -18.19 -5.11
CA PHE A 43 -16.87 -18.28 -3.86
C PHE A 43 -18.31 -17.81 -4.09
N PRO A 44 -19.29 -18.54 -3.55
CA PRO A 44 -20.69 -18.15 -3.78
C PRO A 44 -21.05 -16.85 -3.07
N ARG A 45 -21.61 -15.90 -3.81
CA ARG A 45 -22.00 -14.62 -3.23
C ARG A 45 -23.21 -14.78 -2.30
N ASN A 46 -23.87 -15.92 -2.37
CA ASN A 46 -24.98 -16.21 -1.46
C ASN A 46 -24.48 -16.53 -0.05
N ASN A 47 -23.17 -16.78 0.06
CA ASN A 47 -22.52 -16.94 1.36
C ASN A 47 -21.78 -15.67 1.74
N LEU A 48 -22.17 -14.55 1.14
CA LEU A 48 -21.52 -13.27 1.37
C LEU A 48 -22.55 -12.27 1.88
N GLN A 49 -22.38 -11.85 3.13
CA GLN A 49 -23.36 -10.96 3.77
C GLN A 49 -22.79 -9.57 3.97
N PHE A 50 -23.19 -8.65 3.10
CA PHE A 50 -22.65 -7.28 3.11
C PHE A 50 -22.89 -6.54 4.42
N GLY A 51 -22.04 -5.56 4.68
CA GLY A 51 -22.12 -4.75 5.89
C GLY A 51 -21.94 -3.27 5.59
N LYS A 52 -21.16 -2.59 6.42
CA LYS A 52 -20.94 -1.16 6.28
C LYS A 52 -19.90 -0.83 5.22
N THR A 53 -20.10 0.25 4.49
CA THR A 53 -19.10 0.72 3.54
C THR A 53 -17.90 1.30 4.29
N LEU A 54 -16.72 0.78 3.99
CA LEU A 54 -15.49 1.20 4.66
C LEU A 54 -14.88 2.44 4.01
N GLY A 55 -15.00 2.52 2.69
CA GLY A 55 -14.46 3.65 1.95
C GLY A 55 -14.91 3.62 0.51
N ALA A 56 -15.21 4.78 -0.05
CA ALA A 56 -15.70 4.87 -1.42
C ALA A 56 -14.96 5.92 -2.23
N GLY A 57 -14.42 5.51 -3.37
CA GLY A 57 -13.88 6.43 -4.34
C GLY A 57 -14.95 6.68 -5.40
N ALA A 58 -14.57 7.31 -6.50
CA ALA A 58 -15.53 7.58 -7.57
C ALA A 58 -15.69 6.38 -8.49
N PHE A 59 -14.72 5.46 -8.43
CA PHE A 59 -14.66 4.35 -9.37
C PHE A 59 -15.23 3.05 -8.81
N GLY A 60 -15.32 2.98 -7.49
CA GLY A 60 -15.81 1.79 -6.83
C GLY A 60 -15.89 2.02 -5.34
N LYS A 61 -15.83 0.93 -4.58
CA LYS A 61 -16.00 1.03 -3.14
C LYS A 61 -15.62 -0.30 -2.49
N VAL A 62 -15.32 -0.25 -1.20
CA VAL A 62 -14.98 -1.45 -0.45
C VAL A 62 -15.88 -1.48 0.78
N VAL A 63 -16.60 -2.58 0.97
CA VAL A 63 -17.46 -2.71 2.13
C VAL A 63 -16.99 -3.88 2.98
N GLU A 64 -17.47 -3.92 4.22
CA GLU A 64 -17.10 -5.00 5.14
C GLU A 64 -18.25 -6.00 5.17
N ALA A 65 -17.92 -7.27 5.34
CA ALA A 65 -18.90 -8.33 5.21
C ALA A 65 -18.54 -9.56 6.01
N THR A 66 -19.38 -10.59 5.91
CA THR A 66 -19.15 -11.85 6.62
C THR A 66 -19.25 -13.00 5.62
N ALA A 67 -18.18 -13.80 5.55
CA ALA A 67 -18.14 -14.91 4.61
C ALA A 67 -18.36 -16.25 5.30
N PHE A 68 -19.53 -16.84 5.08
CA PHE A 68 -19.87 -18.13 5.66
C PHE A 68 -19.35 -19.28 4.80
N GLY A 69 -18.34 -19.98 5.30
CA GLY A 69 -17.81 -21.14 4.61
C GLY A 69 -16.64 -20.83 3.70
N LEU A 70 -15.99 -19.70 3.93
CA LEU A 70 -14.84 -19.30 3.14
C LEU A 70 -13.54 -19.81 3.77
N GLY A 71 -12.90 -20.76 3.10
CA GLY A 71 -11.64 -21.30 3.58
C GLY A 71 -11.78 -22.76 4.01
N LYS A 72 -10.66 -23.35 4.43
CA LYS A 72 -10.65 -24.73 4.88
C LYS A 72 -11.55 -24.89 6.10
N GLU A 73 -11.40 -23.97 7.05
CA GLU A 73 -12.08 -24.09 8.34
C GLU A 73 -13.60 -23.96 8.21
N ASP A 74 -14.07 -23.45 7.08
CA ASP A 74 -15.49 -23.27 6.85
C ASP A 74 -16.15 -22.47 7.97
N ALA A 75 -15.34 -21.68 8.67
CA ALA A 75 -15.83 -20.87 9.78
C ALA A 75 -16.46 -19.60 9.25
N VAL A 76 -16.76 -18.68 10.16
CA VAL A 76 -17.22 -17.35 9.78
C VAL A 76 -16.09 -16.36 9.99
N LEU A 77 -15.62 -15.76 8.91
CA LEU A 77 -14.63 -14.69 9.02
C LEU A 77 -15.15 -13.40 8.40
N LYS A 78 -14.83 -12.29 9.07
CA LYS A 78 -15.19 -10.97 8.58
C LYS A 78 -14.18 -10.54 7.52
N VAL A 79 -14.66 -10.10 6.37
CA VAL A 79 -13.77 -9.74 5.27
C VAL A 79 -14.14 -8.40 4.65
N ALA A 80 -13.40 -8.02 3.60
CA ALA A 80 -13.63 -6.77 2.89
C ALA A 80 -13.76 -7.08 1.42
N VAL A 81 -14.76 -6.50 0.77
CA VAL A 81 -15.08 -6.81 -0.61
C VAL A 81 -14.91 -5.57 -1.48
N LYS A 82 -13.94 -5.62 -2.39
CA LYS A 82 -13.76 -4.56 -3.38
C LYS A 82 -14.72 -4.79 -4.53
N MET A 83 -15.36 -3.72 -5.00
CA MET A 83 -16.31 -3.81 -6.10
C MET A 83 -16.36 -2.47 -6.84
N LEU A 84 -16.81 -2.49 -8.08
CA LEU A 84 -16.93 -1.27 -8.87
C LEU A 84 -18.32 -0.67 -8.73
N LYS A 85 -18.47 0.59 -9.12
CA LYS A 85 -19.78 1.21 -9.10
C LYS A 85 -20.61 0.77 -10.32
N SER A 86 -21.18 1.72 -11.07
CA SER A 86 -22.11 1.39 -12.14
C SER A 86 -21.54 1.71 -13.52
N THR A 87 -20.39 2.35 -13.55
CA THR A 87 -19.76 2.74 -14.81
C THR A 87 -19.02 1.55 -15.41
N ALA A 88 -19.76 0.69 -16.09
CA ALA A 88 -19.20 -0.51 -16.70
C ALA A 88 -18.66 -1.46 -15.64
N ALA A 90 -16.10 -1.36 -21.09
CA ALA A 90 -16.01 -1.92 -19.75
C ALA A 90 -14.57 -2.23 -19.39
N ASP A 91 -13.66 -1.34 -19.78
CA ASP A 91 -12.24 -1.52 -19.51
C ASP A 91 -11.94 -1.30 -18.01
N GLU A 92 -12.99 -1.09 -17.23
CA GLU A 92 -12.87 -0.96 -15.79
C GLU A 92 -12.98 -2.33 -15.13
N LYS A 93 -14.06 -3.03 -15.46
CA LYS A 93 -14.24 -4.40 -14.99
C LYS A 93 -12.96 -5.18 -15.24
N GLU A 94 -12.33 -4.87 -16.37
CA GLU A 94 -11.10 -5.54 -16.78
C GLU A 94 -9.96 -5.27 -15.78
N ALA A 95 -9.86 -4.02 -15.34
CA ALA A 95 -8.82 -3.64 -14.39
C ALA A 95 -8.98 -4.38 -13.06
N LEU A 96 -10.21 -4.51 -12.58
CA LEU A 96 -10.46 -5.21 -11.33
C LEU A 96 -10.04 -6.68 -11.48
N MET A 97 -10.30 -7.25 -12.65
CA MET A 97 -9.90 -8.63 -12.93
C MET A 97 -8.38 -8.78 -12.89
N SER A 98 -7.69 -7.86 -13.54
CA SER A 98 -6.24 -7.89 -13.59
C SER A 98 -5.66 -7.81 -12.19
N GLU A 99 -6.26 -6.97 -11.34
CA GLU A 99 -5.84 -6.88 -9.95
C GLU A 99 -6.05 -8.22 -9.25
N LEU A 100 -7.17 -8.87 -9.57
CA LEU A 100 -7.50 -10.15 -8.97
C LEU A 100 -6.45 -11.18 -9.31
N LYS A 101 -6.01 -11.19 -10.56
CA LYS A 101 -5.04 -12.17 -11.04
C LYS A 101 -3.66 -11.96 -10.43
N ILE A 102 -3.23 -10.71 -10.34
CA ILE A 102 -1.91 -10.40 -9.78
C ILE A 102 -1.85 -10.84 -8.32
N MET A 103 -2.83 -10.40 -7.53
CA MET A 103 -2.91 -10.81 -6.13
CA MET A 103 -2.93 -10.81 -6.13
C MET A 103 -2.90 -12.33 -6.02
N SER A 104 -3.68 -12.98 -6.89
CA SER A 104 -3.83 -14.43 -6.84
C SER A 104 -2.53 -15.17 -7.18
N HIS A 105 -1.64 -14.50 -7.91
CA HIS A 105 -0.37 -15.11 -8.28
C HIS A 105 0.73 -14.86 -7.24
N LEU A 106 0.74 -13.66 -6.66
CA LEU A 106 1.78 -13.30 -5.71
C LEU A 106 1.84 -14.28 -4.55
N GLY A 107 0.72 -14.95 -4.28
CA GLY A 107 0.63 -15.82 -3.12
C GLY A 107 0.40 -14.99 -1.87
N GLN A 108 0.16 -15.65 -0.74
CA GLN A 108 -0.13 -14.95 0.50
C GLN A 108 1.14 -14.57 1.27
N HIS A 109 0.95 -13.76 2.31
CA HIS A 109 2.02 -13.37 3.22
C HIS A 109 1.43 -12.64 4.41
N GLU A 110 1.96 -12.93 5.59
CA GLU A 110 1.43 -12.41 6.85
C GLU A 110 1.34 -10.88 6.94
N ASN A 111 2.02 -10.16 6.04
CA ASN A 111 2.08 -8.71 6.11
C ASN A 111 1.56 -8.00 4.86
N ILE A 112 0.96 -8.77 3.95
CA ILE A 112 0.24 -8.19 2.84
C ILE A 112 -1.24 -8.36 3.12
N VAL A 113 -2.05 -7.43 2.64
CA VAL A 113 -3.50 -7.65 2.62
C VAL A 113 -3.76 -8.74 1.59
N ASN A 114 -4.20 -9.89 2.04
CA ASN A 114 -4.28 -11.08 1.20
C ASN A 114 -5.60 -11.25 0.46
N LEU A 115 -5.51 -11.79 -0.75
CA LEU A 115 -6.67 -12.27 -1.48
C LEU A 115 -7.23 -13.49 -0.75
N LEU A 116 -8.55 -13.56 -0.62
CA LEU A 116 -9.19 -14.67 0.08
C LEU A 116 -10.17 -15.42 -0.82
N GLY A 117 -10.62 -14.77 -1.88
CA GLY A 117 -11.59 -15.37 -2.79
C GLY A 117 -12.16 -14.34 -3.75
N ALA A 118 -13.14 -14.74 -4.55
CA ALA A 118 -13.77 -13.82 -5.49
C ALA A 118 -15.11 -14.34 -6.00
N CYS A 119 -15.88 -13.43 -6.58
CA CYS A 119 -17.15 -13.76 -7.22
C CYS A 119 -17.11 -13.20 -8.63
N THR A 120 -16.89 -14.06 -9.62
CA THR A 120 -16.81 -13.62 -11.01
C THR A 120 -18.03 -14.08 -11.81
N HIS A 121 -18.95 -14.79 -11.15
CA HIS A 121 -20.16 -15.26 -11.81
C HIS A 121 -21.42 -14.85 -11.05
N GLY A 122 -22.54 -14.77 -11.76
CA GLY A 122 -23.82 -14.47 -11.14
C GLY A 122 -23.95 -13.02 -10.70
N GLY A 123 -23.16 -12.14 -11.30
CA GLY A 123 -23.19 -10.74 -10.97
C GLY A 123 -21.85 -10.05 -11.17
N PRO A 124 -21.75 -8.80 -10.69
CA PRO A 124 -20.52 -8.00 -10.80
C PRO A 124 -19.35 -8.67 -10.07
N VAL A 125 -18.13 -8.37 -10.48
CA VAL A 125 -16.96 -8.96 -9.84
C VAL A 125 -16.79 -8.45 -8.42
N LEU A 126 -16.62 -9.38 -7.48
CA LEU A 126 -16.28 -9.04 -6.11
C LEU A 126 -14.92 -9.66 -5.80
N VAL A 127 -14.01 -8.84 -5.29
CA VAL A 127 -12.71 -9.33 -4.87
C VAL A 127 -12.67 -9.31 -3.35
N ILE A 128 -12.67 -10.50 -2.75
CA ILE A 128 -12.64 -10.61 -1.30
C ILE A 128 -11.21 -10.58 -0.79
N THR A 129 -10.97 -9.80 0.26
CA THR A 129 -9.64 -9.65 0.83
C THR A 129 -9.72 -9.70 2.35
N GLU A 130 -8.57 -9.63 3.00
CA GLU A 130 -8.53 -9.63 4.45
C GLU A 130 -9.06 -8.31 5.00
N TYR A 131 -9.83 -8.39 6.08
CA TYR A 131 -10.31 -7.21 6.77
C TYR A 131 -9.31 -6.82 7.86
N CYS A 132 -8.84 -5.59 7.81
CA CYS A 132 -7.93 -5.07 8.81
C CYS A 132 -8.68 -4.09 9.72
N CYS A 133 -9.00 -4.55 10.92
CA CYS A 133 -9.97 -3.87 11.77
C CYS A 133 -9.57 -2.46 12.22
N TYR A 134 -8.28 -2.21 12.39
CA TYR A 134 -7.84 -0.91 12.91
C TYR A 134 -7.64 0.17 11.85
N GLY A 135 -7.95 -0.14 10.59
CA GLY A 135 -7.89 0.85 9.54
C GLY A 135 -6.47 1.18 9.11
N ASP A 136 -6.31 2.30 8.41
CA ASP A 136 -5.01 2.62 7.82
C ASP A 136 -4.03 3.24 8.82
N LEU A 137 -2.75 3.03 8.56
CA LEU A 137 -1.66 3.40 9.47
C LEU A 137 -1.62 4.90 9.72
N LEU A 138 -1.79 5.69 8.67
CA LEU A 138 -1.67 7.14 8.80
C LEU A 138 -2.66 7.73 9.81
N ASN A 139 -3.93 7.38 9.66
CA ASN A 139 -4.96 7.85 10.58
C ASN A 139 -4.69 7.37 12.00
N PHE A 140 -4.27 6.12 12.13
CA PHE A 140 -3.93 5.55 13.43
C PHE A 140 -2.85 6.39 14.11
N LEU A 141 -1.81 6.74 13.36
CA LEU A 141 -0.72 7.56 13.86
C LEU A 141 -1.21 8.93 14.31
N ARG A 142 -2.10 9.52 13.53
CA ARG A 142 -2.53 10.90 13.75
C ARG A 142 -3.41 11.10 14.97
N ARG A 143 -4.31 10.16 15.23
CA ARG A 143 -5.14 10.24 16.43
C ARG A 143 -4.39 9.62 17.62
N LYS A 144 -3.08 9.49 17.46
CA LYS A 144 -2.22 8.97 18.53
C LYS A 144 -1.14 9.98 18.93
N ARG A 145 -1.08 11.12 18.25
CA ARG A 145 -0.09 12.15 18.57
C ARG A 145 -0.26 12.61 20.02
N GLN A 162 -1.71 5.31 23.93
CA GLN A 162 -0.41 5.88 23.65
C GLN A 162 0.53 4.86 23.02
N LEU A 163 1.25 5.29 21.99
CA LEU A 163 2.23 4.43 21.32
C LEU A 163 3.57 4.47 22.03
N SER A 164 4.34 3.40 21.87
CA SER A 164 5.72 3.36 22.32
C SER A 164 6.59 3.40 21.08
N SER A 165 7.88 3.66 21.26
CA SER A 165 8.80 3.68 20.12
C SER A 165 9.06 2.25 19.66
N ARG A 166 8.66 1.29 20.48
CA ARG A 166 8.76 -0.12 20.10
C ARG A 166 7.64 -0.47 19.13
N ASP A 167 6.51 0.21 19.26
CA ASP A 167 5.40 0.03 18.34
C ASP A 167 5.76 0.56 16.96
N LEU A 168 6.34 1.76 16.93
CA LEU A 168 6.77 2.35 15.67
C LEU A 168 7.82 1.48 15.00
N LEU A 169 8.55 0.70 15.80
CA LEU A 169 9.54 -0.24 15.28
C LEU A 169 8.86 -1.46 14.68
N HIS A 170 7.81 -1.93 15.34
CA HIS A 170 7.05 -3.07 14.84
C HIS A 170 6.40 -2.75 13.49
N PHE A 171 5.83 -1.55 13.36
CA PHE A 171 5.20 -1.15 12.11
C PHE A 171 6.23 -1.12 10.99
N SER A 172 7.35 -0.45 11.24
CA SER A 172 8.41 -0.33 10.24
C SER A 172 8.91 -1.69 9.78
N SER A 173 9.15 -2.58 10.73
CA SER A 173 9.71 -3.90 10.44
C SER A 173 8.72 -4.75 9.65
N GLN A 174 7.52 -4.90 10.19
CA GLN A 174 6.44 -5.60 9.52
C GLN A 174 6.26 -5.17 8.07
N VAL A 175 6.27 -3.87 7.81
CA VAL A 175 6.07 -3.37 6.45
C VAL A 175 7.26 -3.73 5.57
N ALA A 176 8.45 -3.66 6.13
CA ALA A 176 9.65 -4.01 5.39
C ALA A 176 9.62 -5.49 5.00
N GLN A 177 8.92 -6.29 5.79
CA GLN A 177 8.82 -7.73 5.53
C GLN A 177 7.81 -8.01 4.43
N GLY A 178 6.72 -7.25 4.41
CA GLY A 178 5.74 -7.35 3.35
C GLY A 178 6.33 -6.91 2.04
N MET A 179 7.19 -5.88 2.09
CA MET A 179 7.82 -5.33 0.90
C MET A 179 8.96 -6.22 0.43
N ALA A 180 9.61 -6.91 1.36
CA ALA A 180 10.64 -7.88 0.99
C ALA A 180 9.99 -9.00 0.20
N PHE A 181 8.76 -9.35 0.60
CA PHE A 181 8.02 -10.40 -0.07
C PHE A 181 7.63 -10.01 -1.49
N LEU A 182 7.09 -8.81 -1.65
CA LEU A 182 6.65 -8.35 -2.96
C LEU A 182 7.79 -8.42 -3.97
N ALA A 183 8.96 -7.93 -3.57
CA ALA A 183 10.10 -7.83 -4.48
C ALA A 183 10.71 -9.19 -4.77
N SER A 184 10.49 -10.16 -3.87
CA SER A 184 10.96 -11.52 -4.12
C SER A 184 10.08 -12.14 -5.20
N LYS A 185 8.88 -11.58 -5.36
CA LYS A 185 7.97 -11.95 -6.43
C LYS A 185 8.16 -11.04 -7.65
N ASN A 186 9.27 -10.30 -7.67
CA ASN A 186 9.52 -9.35 -8.74
C ASN A 186 8.35 -8.39 -8.93
N CYS A 187 7.76 -7.96 -7.81
CA CYS A 187 6.59 -7.10 -7.83
C CYS A 187 6.93 -5.69 -7.33
N ILE A 188 6.60 -4.69 -8.13
CA ILE A 188 6.75 -3.30 -7.72
C ILE A 188 5.41 -2.72 -7.28
N HIS A 189 5.39 -2.10 -6.11
CA HIS A 189 4.18 -1.55 -5.52
C HIS A 189 3.82 -0.21 -6.16
N ARG A 190 4.80 0.68 -6.24
CA ARG A 190 4.65 1.97 -6.92
C ARG A 190 3.81 3.00 -6.18
N ASP A 191 3.27 2.64 -5.02
CA ASP A 191 2.52 3.59 -4.22
C ASP A 191 2.75 3.37 -2.73
N VAL A 192 4.01 3.15 -2.35
CA VAL A 192 4.33 2.87 -0.95
C VAL A 192 4.15 4.13 -0.11
N ALA A 193 3.25 4.05 0.86
CA ALA A 193 2.93 5.18 1.72
C ALA A 193 2.14 4.70 2.94
N ALA A 194 2.07 5.54 3.97
CA ALA A 194 1.41 5.15 5.21
C ALA A 194 -0.08 4.96 5.01
N ARG A 195 -0.69 5.79 4.18
CA ARG A 195 -2.11 5.65 3.86
C ARG A 195 -2.37 4.27 3.31
N ASN A 196 -1.38 3.69 2.65
CA ASN A 196 -1.52 2.40 2.01
C ASN A 196 -1.04 1.22 2.86
N VAL A 197 -1.01 1.42 4.18
CA VAL A 197 -0.77 0.34 5.13
C VAL A 197 -1.97 0.25 6.07
N LEU A 198 -2.38 -0.97 6.38
CA LEU A 198 -3.51 -1.20 7.29
C LEU A 198 -3.01 -1.90 8.54
N LEU A 199 -3.80 -1.83 9.61
CA LEU A 199 -3.46 -2.53 10.84
C LEU A 199 -4.61 -3.48 11.19
N THR A 200 -4.27 -4.74 11.40
CA THR A 200 -5.25 -5.76 11.75
C THR A 200 -5.01 -6.20 13.19
N ASN A 201 -5.47 -7.39 13.57
CA ASN A 201 -5.41 -7.84 14.96
C ASN A 201 -4.01 -7.83 15.54
N GLY A 202 -3.88 -7.31 16.76
CA GLY A 202 -2.59 -7.14 17.40
C GLY A 202 -1.85 -5.96 16.80
N HIS A 203 -2.61 -5.10 16.13
CA HIS A 203 -2.04 -3.94 15.45
C HIS A 203 -0.87 -4.34 14.55
N VAL A 204 -1.08 -5.39 13.76
CA VAL A 204 -0.09 -5.90 12.83
C VAL A 204 -0.26 -5.27 11.45
N ALA A 205 0.83 -4.83 10.85
CA ALA A 205 0.78 -4.07 9.61
C ALA A 205 0.66 -4.95 8.37
N LYS A 206 -0.22 -4.53 7.45
CA LYS A 206 -0.38 -5.20 6.16
C LYS A 206 -0.40 -4.13 5.07
N ILE A 207 0.41 -4.31 4.03
CA ILE A 207 0.46 -3.33 2.96
C ILE A 207 -0.44 -3.77 1.81
N GLY A 208 -0.95 -2.80 1.06
CA GLY A 208 -1.85 -3.09 -0.04
C GLY A 208 -2.05 -1.89 -0.94
N ASP A 209 -3.08 -1.97 -1.79
CA ASP A 209 -3.45 -0.86 -2.65
C ASP A 209 -4.94 -0.60 -2.46
N PHE A 210 -5.27 0.60 -1.99
CA PHE A 210 -6.64 0.92 -1.61
C PHE A 210 -7.17 2.14 -2.36
N GLY A 211 -6.71 2.30 -3.60
CA GLY A 211 -7.14 3.41 -4.44
C GLY A 211 -8.61 3.32 -4.82
N LEU A 212 -9.15 2.10 -4.82
CA LEU A 212 -10.55 1.89 -5.18
C LEU A 212 -11.48 2.54 -4.15
N ALA A 213 -11.02 2.64 -2.91
CA ALA A 213 -11.87 3.05 -1.80
C ALA A 213 -11.69 4.49 -1.36
N ARG A 214 -10.90 5.26 -2.12
CA ARG A 214 -10.78 6.69 -1.86
C ARG A 214 -10.76 7.50 -3.15
N ASP A 215 -10.77 8.82 -3.00
CA ASP A 215 -10.86 9.70 -4.15
C ASP A 215 -9.49 10.31 -4.48
N ILE A 216 -8.75 9.63 -5.33
CA ILE A 216 -7.43 10.08 -5.76
C ILE A 216 -7.53 11.24 -6.74
N MET A 217 -8.64 11.29 -7.47
CA MET A 217 -8.86 12.35 -8.45
C MET A 217 -8.96 13.69 -7.72
N ASN A 218 -9.41 13.64 -6.47
CA ASN A 218 -9.56 14.85 -5.66
C ASN A 218 -8.71 14.79 -4.40
N ASP A 219 -7.46 14.39 -4.58
CA ASP A 219 -6.55 14.20 -3.46
C ASP A 219 -5.22 14.89 -3.76
N SER A 220 -4.89 15.91 -2.97
CA SER A 220 -3.75 16.78 -3.27
C SER A 220 -2.39 16.07 -3.19
N ASN A 221 -2.36 14.88 -2.60
CA ASN A 221 -1.12 14.10 -2.54
C ASN A 221 -0.83 13.41 -3.87
N TYR A 222 -1.85 13.34 -4.73
CA TYR A 222 -1.72 12.77 -6.06
C TYR A 222 -1.83 13.86 -7.11
N ILE A 223 -0.84 13.95 -7.99
CA ILE A 223 -0.77 15.05 -8.95
C ILE A 223 -1.45 14.73 -10.27
N VAL A 224 -2.16 15.72 -10.80
CA VAL A 224 -2.74 15.65 -12.13
C VAL A 224 -1.67 15.82 -13.20
N LYS A 225 -0.84 14.80 -13.38
CA LYS A 225 0.12 14.81 -14.47
C LYS A 225 -0.47 13.99 -15.60
N GLY A 226 -1.40 14.60 -16.33
CA GLY A 226 -2.11 13.94 -17.40
C GLY A 226 -3.62 13.99 -17.18
N ALA A 228 -2.35 9.97 -15.64
CA ALA A 228 -1.84 9.29 -14.46
C ALA A 228 -1.89 10.21 -13.24
N ARG A 229 -2.15 9.62 -12.08
CA ARG A 229 -2.08 10.35 -10.83
C ARG A 229 -0.93 9.80 -9.99
N LEU A 230 0.03 10.66 -9.70
CA LEU A 230 1.31 10.24 -9.16
C LEU A 230 1.55 10.87 -7.79
N PRO A 231 1.91 10.03 -6.80
CA PRO A 231 2.21 10.51 -5.45
C PRO A 231 3.63 11.05 -5.39
N VAL A 232 3.83 12.25 -5.92
CA VAL A 232 5.17 12.76 -6.22
C VAL A 232 6.06 12.90 -5.00
N LYS A 233 5.48 13.23 -3.85
CA LYS A 233 6.27 13.41 -2.63
C LYS A 233 6.83 12.09 -2.11
N TRP A 234 6.32 10.98 -2.65
CA TRP A 234 6.77 9.65 -2.25
C TRP A 234 7.62 8.99 -3.34
N MET A 235 7.71 9.63 -4.49
CA MET A 235 8.36 9.02 -5.66
C MET A 235 9.85 9.28 -5.70
N ALA A 236 10.62 8.24 -6.00
CA ALA A 236 12.05 8.37 -6.21
C ALA A 236 12.30 9.23 -7.44
N PRO A 237 13.48 9.87 -7.50
CA PRO A 237 13.84 10.77 -8.60
C PRO A 237 13.70 10.16 -9.99
N GLU A 238 14.21 8.95 -10.18
CA GLU A 238 14.18 8.30 -11.49
C GLU A 238 12.76 8.05 -11.97
N SER A 239 11.82 7.89 -11.04
CA SER A 239 10.43 7.68 -11.38
C SER A 239 9.80 8.98 -11.89
N ILE A 240 10.30 10.10 -11.35
CA ILE A 240 9.78 11.42 -11.68
C ILE A 240 10.33 11.97 -12.99
N PHE A 241 11.55 11.58 -13.35
CA PHE A 241 12.21 12.11 -14.53
C PHE A 241 12.29 11.10 -15.66
N ASP A 242 12.63 9.86 -15.34
CA ASP A 242 12.83 8.82 -16.33
C ASP A 242 11.67 7.83 -16.36
N CYS A 243 10.63 8.10 -15.58
CA CYS A 243 9.48 7.21 -15.47
C CYS A 243 9.92 5.77 -15.19
N VAL A 244 11.09 5.61 -14.57
CA VAL A 244 11.61 4.29 -14.22
C VAL A 244 11.09 3.86 -12.85
N TYR A 245 10.48 2.67 -12.80
CA TYR A 245 10.10 2.07 -11.54
C TYR A 245 10.79 0.72 -11.39
N THR A 246 11.32 0.46 -10.20
CA THR A 246 11.94 -0.82 -9.89
C THR A 246 11.77 -1.09 -8.40
N VAL A 247 12.28 -2.23 -7.93
CA VAL A 247 12.17 -2.56 -6.52
C VAL A 247 12.86 -1.51 -5.65
N GLN A 248 13.93 -0.92 -6.17
CA GLN A 248 14.70 0.08 -5.43
CA GLN A 248 14.68 0.08 -5.41
C GLN A 248 13.94 1.41 -5.40
N SER A 249 13.07 1.62 -6.38
CA SER A 249 12.19 2.80 -6.38
C SER A 249 11.31 2.72 -5.15
N ASP A 250 10.83 1.52 -4.87
CA ASP A 250 9.99 1.29 -3.71
C ASP A 250 10.75 1.58 -2.42
N VAL A 251 12.04 1.28 -2.42
CA VAL A 251 12.86 1.48 -1.23
C VAL A 251 12.86 2.94 -0.86
N TRP A 252 13.05 3.80 -1.87
CA TRP A 252 12.95 5.24 -1.65
C TRP A 252 11.63 5.58 -0.96
N SER A 253 10.53 5.11 -1.53
CA SER A 253 9.21 5.40 -0.99
C SER A 253 9.05 4.89 0.44
N TYR A 254 9.72 3.78 0.74
CA TYR A 254 9.69 3.22 2.08
C TYR A 254 10.46 4.12 3.03
N GLY A 255 11.45 4.83 2.50
CA GLY A 255 12.16 5.84 3.27
C GLY A 255 11.23 6.95 3.70
N ILE A 256 10.47 7.48 2.74
CA ILE A 256 9.51 8.53 3.04
C ILE A 256 8.45 8.02 4.02
N LEU A 257 8.12 6.74 3.90
CA LEU A 257 7.13 6.13 4.78
C LEU A 257 7.66 6.02 6.20
N LEU A 258 8.93 5.65 6.33
CA LEU A 258 9.60 5.66 7.62
C LEU A 258 9.42 7.03 8.28
N TRP A 259 9.65 8.07 7.48
CA TRP A 259 9.57 9.43 7.97
C TRP A 259 8.16 9.75 8.49
N GLU A 260 7.14 9.24 7.80
CA GLU A 260 5.75 9.43 8.21
C GLU A 260 5.46 8.76 9.54
N ILE A 261 6.02 7.57 9.72
CA ILE A 261 5.78 6.78 10.93
C ILE A 261 6.38 7.44 12.18
N PHE A 262 7.62 7.92 12.06
CA PHE A 262 8.34 8.45 13.22
C PHE A 262 8.17 9.96 13.39
N SER A 263 7.36 10.56 12.52
CA SER A 263 6.92 11.94 12.72
C SER A 263 5.45 11.90 13.13
N LEU A 264 4.99 10.70 13.50
CA LEU A 264 3.60 10.44 13.83
C LEU A 264 2.60 11.04 12.84
N GLY A 265 2.97 11.06 11.56
CA GLY A 265 2.00 11.26 10.50
C GLY A 265 1.97 12.61 9.83
N LEU A 266 3.06 13.36 9.87
CA LEU A 266 3.11 14.64 9.17
C LEU A 266 3.12 14.40 7.66
N ASN A 267 2.66 15.39 6.91
CA ASN A 267 2.80 15.38 5.45
C ASN A 267 4.26 15.61 5.08
N PRO A 268 4.81 14.78 4.19
CA PRO A 268 6.22 14.91 3.78
C PRO A 268 6.54 16.31 3.24
N TYR A 269 7.81 16.70 3.34
CA TYR A 269 8.27 18.03 2.90
C TYR A 269 7.33 19.14 3.35
N PRO A 270 7.18 19.32 4.67
CA PRO A 270 6.16 20.23 5.20
C PRO A 270 6.38 21.66 4.73
N GLY A 271 5.34 22.24 4.12
CA GLY A 271 5.40 23.63 3.69
C GLY A 271 6.10 23.83 2.36
N ILE A 272 6.45 22.72 1.71
CA ILE A 272 7.12 22.79 0.41
C ILE A 272 6.18 22.32 -0.70
N LEU A 273 5.96 23.19 -1.67
CA LEU A 273 5.02 22.91 -2.76
C LEU A 273 5.59 21.99 -3.83
N VAL A 274 4.73 21.19 -4.45
CA VAL A 274 5.11 20.40 -5.61
C VAL A 274 5.14 21.31 -6.84
N ASN A 275 6.35 21.56 -7.33
CA ASN A 275 6.53 22.36 -8.54
C ASN A 275 7.96 22.21 -9.06
N SER A 276 8.39 23.12 -9.92
CA SER A 276 9.70 23.02 -10.54
C SER A 276 10.84 23.08 -9.53
N LYS A 277 10.76 23.99 -8.57
CA LYS A 277 11.81 24.11 -7.56
C LYS A 277 11.91 22.82 -6.74
N PHE A 278 10.79 22.13 -6.57
CA PHE A 278 10.76 20.90 -5.80
C PHE A 278 11.54 19.78 -6.47
N TYR A 279 11.36 19.63 -7.78
CA TYR A 279 12.05 18.57 -8.51
C TYR A 279 13.56 18.80 -8.45
N LYS A 280 13.96 20.06 -8.54
CA LYS A 280 15.37 20.44 -8.47
C LYS A 280 15.95 20.07 -7.10
N LEU A 281 15.11 20.14 -6.07
CA LEU A 281 15.53 19.89 -4.70
C LEU A 281 15.93 18.43 -4.47
N VAL A 282 15.01 17.51 -4.73
CA VAL A 282 15.26 16.10 -4.46
C VAL A 282 16.28 15.54 -5.44
N LYS A 283 16.31 16.12 -6.64
CA LYS A 283 17.30 15.76 -7.65
C LYS A 283 18.70 16.14 -7.16
N ASP A 284 18.79 17.26 -6.45
CA ASP A 284 20.08 17.79 -6.01
C ASP A 284 20.54 17.23 -4.67
N GLY A 285 19.78 16.30 -4.12
CA GLY A 285 20.20 15.61 -2.90
C GLY A 285 19.50 16.07 -1.63
N TYR A 286 18.63 17.07 -1.74
CA TYR A 286 17.86 17.52 -0.59
C TYR A 286 17.13 16.35 0.07
N GLN A 287 17.23 16.27 1.39
CA GLN A 287 16.53 15.25 2.17
C GLN A 287 15.80 15.90 3.34
N MET A 288 14.71 15.26 3.78
CA MET A 288 13.96 15.75 4.92
C MET A 288 14.77 15.55 6.18
N ALA A 289 14.59 16.45 7.15
CA ALA A 289 15.34 16.37 8.40
C ALA A 289 14.76 15.30 9.32
N GLN A 290 15.58 14.84 10.26
CA GLN A 290 15.20 13.76 11.17
C GLN A 290 13.90 14.05 11.93
N PRO A 291 12.96 13.10 11.91
CA PRO A 291 11.71 13.22 12.68
C PRO A 291 11.99 13.24 14.18
N ALA A 292 11.11 13.88 14.95
CA ALA A 292 11.32 14.03 16.37
C ALA A 292 11.43 12.69 17.09
N PHE A 293 10.60 11.73 16.69
CA PHE A 293 10.49 10.46 17.41
C PHE A 293 11.37 9.36 16.84
N ALA A 294 12.14 9.67 15.81
CA ALA A 294 13.02 8.69 15.20
C ALA A 294 14.31 8.55 15.99
N PRO A 295 14.76 7.31 16.24
CA PRO A 295 16.11 7.13 16.78
C PRO A 295 17.13 7.45 15.69
N LYS A 296 18.41 7.53 16.07
CA LYS A 296 19.44 7.94 15.12
C LYS A 296 19.66 6.90 14.03
N ASN A 297 19.57 5.62 14.38
CA ASN A 297 19.81 4.55 13.42
C ASN A 297 18.65 4.38 12.45
N ILE A 298 17.44 4.68 12.91
CA ILE A 298 16.28 4.62 12.04
C ILE A 298 16.38 5.70 10.97
N TYR A 299 16.86 6.88 11.36
CA TYR A 299 17.07 7.97 10.41
C TYR A 299 18.24 7.62 9.48
N SER A 300 19.10 6.70 9.92
CA SER A 300 20.14 6.17 9.05
C SER A 300 19.49 5.40 7.91
N ILE A 301 18.46 4.65 8.26
CA ILE A 301 17.72 3.86 7.29
C ILE A 301 17.19 4.77 6.18
N MET A 302 16.46 5.82 6.56
CA MET A 302 15.85 6.72 5.57
C MET A 302 16.89 7.33 4.65
N GLN A 303 17.99 7.81 5.23
CA GLN A 303 19.03 8.47 4.45
C GLN A 303 19.61 7.51 3.42
N ALA A 304 19.67 6.23 3.77
CA ALA A 304 20.18 5.21 2.87
C ALA A 304 19.17 4.93 1.77
N CYS A 305 17.89 4.93 2.14
CA CYS A 305 16.80 4.74 1.19
C CYS A 305 16.74 5.87 0.18
N TRP A 306 17.23 7.05 0.58
CA TRP A 306 17.16 8.23 -0.26
C TRP A 306 18.46 8.48 -1.01
N ALA A 307 19.27 7.43 -1.17
CA ALA A 307 20.47 7.51 -1.99
C ALA A 307 20.06 7.88 -3.42
N LEU A 308 20.76 8.84 -4.02
CA LEU A 308 20.38 9.29 -5.35
C LEU A 308 20.62 8.20 -6.39
N GLU A 309 21.62 7.36 -6.17
CA GLU A 309 21.85 6.21 -7.04
C GLU A 309 21.01 5.04 -6.53
N PRO A 310 20.09 4.54 -7.37
CA PRO A 310 19.20 3.42 -7.04
C PRO A 310 19.93 2.21 -6.47
N THR A 311 21.14 1.94 -6.97
CA THR A 311 21.89 0.75 -6.57
C THR A 311 22.59 0.93 -5.22
N HIS A 312 22.65 2.17 -4.72
CA HIS A 312 23.24 2.44 -3.42
C HIS A 312 22.26 2.19 -2.28
N ARG A 313 20.96 2.20 -2.60
CA ARG A 313 19.94 1.97 -1.61
C ARG A 313 20.00 0.53 -1.11
N PRO A 314 19.61 0.30 0.14
CA PRO A 314 19.54 -1.08 0.64
C PRO A 314 18.37 -1.83 0.02
N THR A 315 18.41 -3.15 0.07
CA THR A 315 17.26 -3.94 -0.36
C THR A 315 16.34 -4.07 0.85
N PHE A 316 15.16 -4.63 0.65
CA PHE A 316 14.22 -4.78 1.75
C PHE A 316 14.69 -5.85 2.71
N GLN A 317 15.43 -6.83 2.22
CA GLN A 317 15.94 -7.89 3.09
C GLN A 317 17.05 -7.35 3.98
N GLN A 318 17.92 -6.51 3.41
CA GLN A 318 18.95 -5.82 4.18
C GLN A 318 18.30 -4.97 5.28
N ILE A 319 17.28 -4.21 4.90
CA ILE A 319 16.56 -3.36 5.83
C ILE A 319 15.92 -4.17 6.97
N CYS A 320 15.24 -5.26 6.60
CA CYS A 320 14.58 -6.12 7.56
C CYS A 320 15.54 -6.60 8.65
N SER A 321 16.80 -6.82 8.27
CA SER A 321 17.78 -7.39 9.19
C SER A 321 18.27 -6.35 10.19
N PHE A 322 18.51 -5.13 9.73
CA PHE A 322 18.97 -4.06 10.60
C PHE A 322 17.86 -3.66 11.57
N LEU A 323 16.63 -3.92 11.17
CA LEU A 323 15.47 -3.55 11.99
C LEU A 323 15.26 -4.55 13.13
N GLN A 324 15.55 -5.82 12.87
CA GLN A 324 15.53 -6.81 13.93
C GLN A 324 16.74 -6.60 14.83
N GLU A 325 17.64 -5.70 14.42
CA GLU A 325 18.80 -5.34 15.21
C GLU A 325 19.72 -6.54 15.42
#